data_5LIZ
#
_entry.id   5LIZ
#
_cell.length_a   59.867
_cell.length_b   93.059
_cell.length_c   76.580
_cell.angle_alpha   90.00
_cell.angle_beta   112.89
_cell.angle_gamma   90.00
#
_symmetry.space_group_name_H-M   'P 1 21 1'
#
loop_
_entity.id
_entity.type
_entity.pdbx_description
1 polymer 'Nicking endonuclease N.BspD6I'
2 non-polymer 'PHOSPHATE ION'
3 water water
#
_entity_poly.entity_id   1
_entity_poly.type   'polypeptide(L)'
_entity_poly.pdbx_seq_one_letter_code
;HHHHHHMAKKVNWYVSSSPRSPEKIQPELKVLANFEGSYWKGVKGYKAQEAFAKELAALPQFLGTTYKKEAAFSTRDRVA
PMKTYGFVFVDEEGYLRITEAGKMLANNRRPKDVFLKQLVKWQYPSFQHKGKEYPEEEWSINPLVFVLSLLKKVGGLSKL
DIAMFSLTATNNNQVDEIAEEIMQFRNEREKIKGQNKKLEFTENYFFKRFEKIYGNVGKIREGKSDSSHKSKIETKMRNA
RDVADATTRYFRYTGLFVARGNQLVLNPEKSDLIDEIISSSKVVKNYTRVEEFHEYYGNPSLPQFSFETKEQLLDLAHRI
RDENTRLAEQLVEHFPNVKVEIQVLEDIYNSLNKKVDVETLKDVIYHAKELQLELKKKKLQADFNDPRQLEEVIDLLEVY
HEKKNVIEEKIKARFIANKNTVFEWLTWNGFIILGNALEYKNNFVIDEELQPVTHAAGNQPDMEIIYEDFIVLGEVTTSK
GATQFKMESEPVTRHYLNKKKELEKQGVEKELYSLFIAPEINKNTFEEFMKYNIVQNTRIIPLSLKQFNMLLMVQKKLIE
KGRRLSSYDIKNLMVSLYRTTIESERKYTQIKAGLEETLNNWVVDKEVRF
;
_entity_poly.pdbx_strand_id   A
#
loop_
_chem_comp.id
_chem_comp.type
_chem_comp.name
_chem_comp.formula
PO4 non-polymer 'PHOSPHATE ION' 'O4 P -3'
#
# COMPACT_ATOMS: atom_id res chain seq x y z
N ALA A 8 -12.66 18.64 28.52
CA ALA A 8 -11.33 18.14 28.11
C ALA A 8 -11.58 16.94 27.22
N LYS A 9 -12.86 16.51 27.17
CA LYS A 9 -13.30 15.29 26.44
C LYS A 9 -12.99 15.36 24.94
N LYS A 10 -12.25 14.34 24.50
CA LYS A 10 -12.02 14.11 23.11
C LYS A 10 -13.35 13.67 22.51
N VAL A 11 -13.52 13.92 21.21
CA VAL A 11 -14.80 13.63 20.55
C VAL A 11 -14.55 12.85 19.27
N ASN A 12 -13.30 12.52 19.03
CA ASN A 12 -12.98 11.62 17.91
C ASN A 12 -11.92 10.59 18.30
N TRP A 13 -12.00 9.43 17.65
CA TRP A 13 -10.85 8.50 17.66
C TRP A 13 -9.97 8.75 16.44
N TYR A 14 -8.79 8.16 16.41
CA TYR A 14 -7.97 8.26 15.24
C TYR A 14 -6.92 7.19 15.05
N VAL A 15 -6.61 7.01 13.79
CA VAL A 15 -5.43 6.28 13.40
C VAL A 15 -4.39 7.34 13.16
N SER A 16 -3.31 7.36 13.92
CA SER A 16 -2.24 8.36 13.66
C SER A 16 -1.61 8.25 12.26
N SER A 17 -1.20 9.40 11.73
CA SER A 17 -0.39 9.50 10.49
C SER A 17 1.07 9.35 10.76
N SER A 18 1.43 8.87 11.94
CA SER A 18 2.80 8.66 12.26
C SER A 18 3.09 7.20 12.69
N PRO A 19 3.26 6.31 11.70
CA PRO A 19 3.30 6.70 10.25
C PRO A 19 1.97 6.47 9.62
N ARG A 20 1.81 6.99 8.43
CA ARG A 20 0.49 6.92 7.82
C ARG A 20 0.21 5.61 7.13
N SER A 21 1.19 4.76 6.95
CA SER A 21 0.84 3.46 6.39
C SER A 21 1.45 2.41 7.35
N PRO A 22 0.76 1.23 7.50
CA PRO A 22 0.99 0.34 8.64
C PRO A 22 2.32 -0.39 8.60
N GLU A 23 2.73 -0.67 7.38
CA GLU A 23 3.97 -1.46 7.10
C GLU A 23 5.18 -0.68 7.61
N LYS A 24 5.04 0.65 7.78
CA LYS A 24 6.17 1.42 8.36
C LYS A 24 6.38 1.25 9.82
N ILE A 25 5.39 0.68 10.55
CA ILE A 25 5.57 0.45 12.02
C ILE A 25 6.68 -0.52 12.32
N GLN A 26 6.73 -1.64 11.56
CA GLN A 26 7.63 -2.76 11.84
C GLN A 26 9.11 -2.38 12.02
N PRO A 27 9.71 -1.57 11.12
CA PRO A 27 11.12 -1.23 11.46
C PRO A 27 11.25 -0.33 12.69
N GLU A 28 10.26 0.52 12.96
CA GLU A 28 10.34 1.43 14.12
C GLU A 28 10.21 0.55 15.36
N LEU A 29 9.33 -0.45 15.31
CA LEU A 29 9.13 -1.38 16.45
C LEU A 29 10.33 -2.25 16.74
N LYS A 30 11.03 -2.74 15.73
CA LYS A 30 12.16 -3.60 15.88
C LYS A 30 13.27 -2.79 16.57
N VAL A 31 13.37 -1.51 16.23
CA VAL A 31 14.30 -0.62 16.99
C VAL A 31 13.88 -0.41 18.43
N LEU A 32 12.62 -0.05 18.66
CA LEU A 32 12.10 0.16 20.01
C LEU A 32 12.25 -1.10 20.89
N ALA A 33 12.15 -2.29 20.28
CA ALA A 33 12.28 -3.55 21.02
C ALA A 33 13.66 -3.62 21.70
N ASN A 34 14.67 -2.98 21.11
CA ASN A 34 16.02 -2.96 21.72
C ASN A 34 16.04 -2.27 23.08
N PHE A 35 15.00 -1.49 23.38
CA PHE A 35 14.92 -0.77 24.64
C PHE A 35 14.02 -1.42 25.64
N GLU A 36 13.62 -2.69 25.37
CA GLU A 36 12.84 -3.39 26.35
C GLU A 36 13.59 -3.31 27.72
N GLY A 37 12.89 -3.06 28.79
CA GLY A 37 13.50 -3.14 30.12
C GLY A 37 14.25 -1.88 30.50
N SER A 38 14.23 -0.87 29.63
CA SER A 38 14.62 0.52 29.96
C SER A 38 13.57 1.20 30.83
N TYR A 39 14.05 2.07 31.72
CA TYR A 39 13.20 2.97 32.45
C TYR A 39 12.68 3.94 31.40
N TRP A 40 11.38 4.19 31.44
CA TRP A 40 10.75 4.94 30.37
C TRP A 40 9.77 5.99 30.86
N LYS A 41 9.43 5.97 32.15
CA LYS A 41 8.44 6.93 32.73
C LYS A 41 9.09 8.25 33.18
N GLY A 42 8.34 9.35 33.08
CA GLY A 42 8.79 10.72 33.48
C GLY A 42 10.25 11.07 33.21
N VAL A 43 10.88 11.72 34.21
CA VAL A 43 12.23 12.31 34.03
C VAL A 43 13.33 11.24 34.03
N LYS A 44 13.10 10.19 34.79
CA LYS A 44 14.10 9.12 34.87
C LYS A 44 14.10 8.32 33.53
N GLY A 45 13.06 8.58 32.72
CA GLY A 45 12.90 7.95 31.42
C GLY A 45 13.62 8.66 30.31
N TYR A 46 14.21 9.80 30.62
CA TYR A 46 14.80 10.65 29.57
C TYR A 46 15.89 10.01 28.68
N LYS A 47 16.91 9.40 29.30
CA LYS A 47 18.09 8.94 28.54
C LYS A 47 17.80 7.77 27.59
N ALA A 48 16.80 6.95 27.96
CA ALA A 48 16.31 5.90 27.09
C ALA A 48 15.53 6.46 25.87
N GLN A 49 14.52 7.30 26.12
CA GLN A 49 13.72 7.87 25.02
C GLN A 49 14.60 8.68 24.09
N GLU A 50 15.59 9.33 24.71
CA GLU A 50 16.70 10.05 24.07
C GLU A 50 17.36 9.19 22.99
N ALA A 51 17.89 8.06 23.47
CA ALA A 51 18.76 7.16 22.73
C ALA A 51 17.96 6.35 21.69
N PHE A 52 16.67 6.18 21.96
CA PHE A 52 15.81 5.48 21.02
C PHE A 52 15.63 6.40 19.84
N ALA A 53 15.15 7.62 20.14
CA ALA A 53 14.80 8.65 19.13
C ALA A 53 15.92 8.80 18.17
N LYS A 54 17.10 8.42 18.65
CA LYS A 54 18.33 8.66 17.94
C LYS A 54 18.69 7.50 17.07
N GLU A 55 18.67 6.29 17.63
CA GLU A 55 19.00 5.09 16.84
C GLU A 55 17.97 4.84 15.75
N LEU A 56 16.80 5.45 15.93
CA LEU A 56 15.74 5.45 14.96
C LEU A 56 16.07 6.35 13.78
N ALA A 57 16.44 7.59 14.06
CA ALA A 57 16.95 8.50 13.01
C ALA A 57 17.95 7.75 12.09
N ALA A 58 18.70 6.82 12.64
CA ALA A 58 19.74 6.15 11.89
C ALA A 58 19.32 5.18 10.78
N LEU A 59 18.02 4.90 10.66
CA LEU A 59 17.58 3.86 9.72
C LEU A 59 17.88 4.23 8.29
N PRO A 60 17.90 3.24 7.40
CA PRO A 60 17.77 3.52 5.97
C PRO A 60 16.35 4.04 5.75
N GLN A 61 15.67 4.26 6.84
CA GLN A 61 14.45 5.02 6.84
C GLN A 61 14.97 6.39 7.14
N PHE A 62 15.89 6.77 6.27
CA PHE A 62 16.50 8.08 6.25
C PHE A 62 16.66 8.26 4.75
N LEU A 63 17.28 7.26 4.13
CA LEU A 63 17.02 6.95 2.74
C LEU A 63 15.56 6.49 2.68
N GLY A 64 15.28 5.29 3.19
CA GLY A 64 13.93 4.73 3.18
C GLY A 64 12.83 5.73 3.48
N SER A 74 7.57 14.86 19.15
CA SER A 74 7.89 14.16 17.92
C SER A 74 8.21 12.70 18.24
N THR A 75 8.60 12.47 19.48
CA THR A 75 9.16 11.17 19.83
C THR A 75 8.36 10.40 20.87
N ARG A 76 7.10 10.78 21.04
CA ARG A 76 6.21 10.09 21.95
C ARG A 76 4.99 10.08 21.10
N ASP A 77 5.01 10.97 20.13
CA ASP A 77 4.10 10.93 19.02
C ASP A 77 4.48 9.76 18.12
N ARG A 78 5.77 9.40 18.12
CA ARG A 78 6.27 8.27 17.34
C ARG A 78 5.86 6.91 17.95
N VAL A 79 5.76 6.91 19.28
CA VAL A 79 5.56 5.70 20.08
C VAL A 79 4.10 5.54 20.46
N ALA A 80 3.31 6.61 20.44
CA ALA A 80 1.95 6.44 20.85
C ALA A 80 1.21 5.44 19.97
N PRO A 81 1.47 5.41 18.67
CA PRO A 81 0.67 4.45 17.89
C PRO A 81 1.02 3.02 18.30
N MET A 82 2.27 2.79 18.64
CA MET A 82 2.69 1.48 19.14
C MET A 82 2.08 1.05 20.46
N LYS A 83 1.80 2.05 21.30
CA LYS A 83 0.97 1.87 22.48
C LYS A 83 -0.50 1.65 22.14
N THR A 84 -1.06 2.45 21.22
CA THR A 84 -2.45 2.34 20.89
C THR A 84 -2.82 1.00 20.33
N TYR A 85 -1.90 0.44 19.53
CA TYR A 85 -2.20 -0.86 18.87
C TYR A 85 -1.73 -2.07 19.68
N GLY A 86 -1.18 -1.81 20.86
CA GLY A 86 -0.96 -2.85 21.84
C GLY A 86 0.33 -3.62 21.57
N PHE A 87 1.28 -2.93 20.96
CA PHE A 87 2.60 -3.50 20.68
C PHE A 87 3.60 -3.30 21.85
N VAL A 88 3.42 -2.23 22.61
CA VAL A 88 4.29 -1.89 23.71
C VAL A 88 3.47 -1.24 24.80
N PHE A 89 3.99 -1.24 26.04
CA PHE A 89 3.39 -0.48 27.14
C PHE A 89 4.52 -0.14 28.16
N VAL A 90 4.16 0.69 29.10
CA VAL A 90 5.05 1.04 30.25
C VAL A 90 4.47 0.37 31.52
N ASP A 91 5.26 -0.48 32.19
CA ASP A 91 4.69 -1.18 33.35
C ASP A 91 4.66 -0.23 34.60
N GLU A 92 3.92 -0.63 35.65
CA GLU A 92 3.78 0.28 36.79
C GLU A 92 5.02 0.69 37.55
N GLU A 93 6.11 -0.05 37.37
CA GLU A 93 7.44 0.36 37.89
C GLU A 93 8.10 1.32 36.93
N GLY A 94 7.46 1.60 35.78
CA GLY A 94 8.01 2.51 34.78
C GLY A 94 8.87 1.97 33.64
N TYR A 95 8.87 0.66 33.42
CA TYR A 95 9.80 0.15 32.39
C TYR A 95 9.06 -0.13 31.06
N LEU A 96 9.79 0.03 29.96
CA LEU A 96 9.24 -0.26 28.66
C LEU A 96 9.18 -1.80 28.50
N ARG A 97 8.01 -2.25 28.08
CA ARG A 97 7.75 -3.67 27.85
C ARG A 97 7.19 -3.87 26.42
N ILE A 98 7.47 -5.03 25.84
CA ILE A 98 7.03 -5.33 24.49
C ILE A 98 6.04 -6.46 24.69
N THR A 99 4.87 -6.34 24.10
CA THR A 99 3.85 -7.36 24.31
C THR A 99 4.13 -8.53 23.38
N GLU A 100 3.37 -9.64 23.52
CA GLU A 100 3.63 -10.77 22.64
C GLU A 100 3.31 -10.33 21.23
N ALA A 101 2.33 -9.44 21.04
CA ALA A 101 2.00 -9.05 19.69
C ALA A 101 3.08 -8.16 19.11
N GLY A 102 3.64 -7.24 19.93
CA GLY A 102 4.83 -6.46 19.54
C GLY A 102 6.02 -7.30 19.10
N LYS A 103 6.34 -8.34 19.90
CA LYS A 103 7.41 -9.27 19.53
C LYS A 103 7.23 -9.92 18.20
N MET A 104 6.00 -10.35 17.94
CA MET A 104 5.71 -11.07 16.71
C MET A 104 5.88 -10.09 15.55
N LEU A 105 5.30 -8.88 15.67
CA LEU A 105 5.49 -7.87 14.61
C LEU A 105 7.00 -7.47 14.47
N ALA A 106 7.73 -7.25 15.56
CA ALA A 106 9.13 -6.91 15.45
C ALA A 106 9.92 -8.02 14.66
N ASN A 107 9.57 -9.30 14.87
CA ASN A 107 10.20 -10.41 14.13
C ASN A 107 9.62 -10.60 12.76
N ASN A 108 8.67 -9.74 12.39
CA ASN A 108 8.05 -9.78 11.11
C ASN A 108 7.28 -11.10 10.82
N ARG A 109 6.68 -11.66 11.85
CA ARG A 109 5.88 -12.87 11.69
C ARG A 109 4.43 -12.54 11.42
N ARG A 110 3.95 -12.96 10.25
CA ARG A 110 2.53 -12.89 9.84
C ARG A 110 2.03 -11.47 10.12
N PRO A 111 2.76 -10.45 9.63
CA PRO A 111 2.36 -9.10 10.12
C PRO A 111 0.95 -8.63 9.82
N LYS A 112 0.39 -9.00 8.70
CA LYS A 112 -0.94 -8.58 8.41
C LYS A 112 -1.94 -9.22 9.35
N ASP A 113 -1.67 -10.42 9.84
CA ASP A 113 -2.50 -11.10 10.82
C ASP A 113 -2.38 -10.46 12.18
N VAL A 114 -1.17 -10.08 12.53
CA VAL A 114 -0.95 -9.33 13.74
C VAL A 114 -1.76 -8.06 13.74
N PHE A 115 -1.72 -7.29 12.65
CA PHE A 115 -2.58 -6.07 12.56
C PHE A 115 -4.05 -6.40 12.64
N LEU A 116 -4.47 -7.45 11.89
CA LEU A 116 -5.84 -7.86 11.90
C LEU A 116 -6.37 -8.07 13.38
N LYS A 117 -5.67 -8.89 14.15
CA LYS A 117 -6.14 -9.21 15.51
C LYS A 117 -5.98 -8.02 16.47
N GLN A 118 -4.93 -7.22 16.28
CA GLN A 118 -4.80 -6.02 17.12
C GLN A 118 -5.87 -4.96 16.85
N LEU A 119 -6.12 -4.69 15.58
CA LEU A 119 -7.08 -3.66 15.24
C LEU A 119 -8.51 -4.13 15.48
N VAL A 120 -8.76 -5.45 15.49
CA VAL A 120 -10.05 -5.98 15.93
C VAL A 120 -10.26 -5.79 17.43
N LYS A 121 -9.24 -6.03 18.24
CA LYS A 121 -9.46 -5.81 19.69
C LYS A 121 -9.44 -4.30 20.06
N TRP A 122 -8.77 -3.48 19.24
CA TRP A 122 -8.68 -2.02 19.54
C TRP A 122 -10.05 -1.46 20.00
N GLN A 123 -10.00 -0.77 21.11
CA GLN A 123 -11.24 -0.28 21.71
C GLN A 123 -10.99 1.07 22.32
N TYR A 124 -12.09 1.85 22.47
CA TYR A 124 -12.13 3.08 23.30
C TYR A 124 -13.35 2.86 24.24
N PRO A 125 -13.15 3.04 25.56
CA PRO A 125 -11.85 3.34 26.11
C PRO A 125 -10.88 2.16 26.22
N SER A 126 -9.68 2.47 26.64
CA SER A 126 -8.52 1.52 26.57
C SER A 126 -7.52 2.01 27.61
N PHE A 127 -6.43 1.31 27.89
CA PHE A 127 -5.46 1.77 28.87
C PHE A 127 -4.90 3.08 28.42
N GLN A 128 -4.78 3.25 27.12
CA GLN A 128 -4.19 4.46 26.52
CA GLN A 128 -4.17 4.49 26.81
C GLN A 128 -5.18 5.63 26.54
N HIS A 129 -6.44 5.28 26.35
CA HIS A 129 -7.55 6.25 26.24
C HIS A 129 -8.66 5.98 27.25
N LYS A 130 -8.46 6.49 28.47
CA LYS A 130 -9.45 6.28 29.56
C LYS A 130 -9.67 7.53 30.41
N GLY A 131 -10.63 7.45 31.34
CA GLY A 131 -10.73 8.47 32.41
C GLY A 131 -11.48 9.72 31.95
N LYS A 132 -10.91 10.89 32.28
CA LYS A 132 -11.63 12.16 32.10
C LYS A 132 -12.01 12.37 30.64
N GLU A 133 -10.99 12.31 29.78
CA GLU A 133 -11.16 12.54 28.33
C GLU A 133 -12.01 11.48 27.63
N TYR A 134 -12.13 10.29 28.21
CA TYR A 134 -12.91 9.20 27.58
C TYR A 134 -13.96 8.51 28.47
N PRO A 135 -15.01 9.25 28.93
CA PRO A 135 -16.02 8.70 29.86
C PRO A 135 -16.84 7.63 29.26
N GLU A 136 -17.09 6.58 30.04
CA GLU A 136 -17.86 5.42 29.55
C GLU A 136 -19.26 5.77 29.10
N GLU A 137 -19.75 6.96 29.50
CA GLU A 137 -21.12 7.39 29.18
C GLU A 137 -21.21 7.66 27.69
N GLU A 138 -20.16 8.27 27.16
CA GLU A 138 -20.06 8.55 25.76
C GLU A 138 -19.29 7.42 25.00
N TRP A 139 -18.27 6.88 25.65
CA TRP A 139 -17.29 6.04 24.92
C TRP A 139 -17.46 4.53 25.14
N SER A 140 -17.71 3.83 24.04
CA SER A 140 -17.67 2.39 23.97
C SER A 140 -17.58 1.91 22.48
N ILE A 141 -16.38 1.91 21.91
CA ILE A 141 -16.32 1.54 20.47
C ILE A 141 -15.04 0.71 20.16
N ASN A 142 -15.21 -0.17 19.19
CA ASN A 142 -14.07 -0.87 18.53
C ASN A 142 -14.07 -0.25 17.13
N PRO A 143 -13.17 0.71 16.90
CA PRO A 143 -13.22 1.52 15.63
C PRO A 143 -13.29 0.65 14.38
N LEU A 144 -12.49 -0.43 14.32
CA LEU A 144 -12.46 -1.22 13.10
C LEU A 144 -13.74 -1.95 12.96
N VAL A 145 -14.24 -2.52 14.03
CA VAL A 145 -15.45 -3.32 13.89
C VAL A 145 -16.67 -2.41 13.58
N PHE A 146 -16.63 -1.21 14.16
CA PHE A 146 -17.61 -0.14 13.84
C PHE A 146 -17.65 0.11 12.31
N VAL A 147 -16.48 0.31 11.70
CA VAL A 147 -16.49 0.54 10.24
C VAL A 147 -16.95 -0.74 9.52
N LEU A 148 -16.56 -1.91 9.97
CA LEU A 148 -17.15 -3.05 9.30
C LEU A 148 -18.72 -2.99 9.33
N SER A 149 -19.26 -2.67 10.51
CA SER A 149 -20.74 -2.75 10.66
C SER A 149 -21.42 -1.64 9.81
N LEU A 150 -20.81 -0.42 9.83
CA LEU A 150 -21.21 0.68 8.99
C LEU A 150 -21.18 0.37 7.51
N LEU A 151 -20.15 -0.37 7.05
CA LEU A 151 -20.07 -0.79 5.65
C LEU A 151 -21.17 -1.76 5.33
N LYS A 152 -21.57 -2.57 6.29
CA LYS A 152 -22.67 -3.48 5.98
C LYS A 152 -23.94 -2.64 5.69
N LYS A 153 -24.01 -1.42 6.19
CA LYS A 153 -25.23 -0.58 5.96
C LYS A 153 -25.09 0.37 4.74
N VAL A 154 -23.94 1.01 4.55
CA VAL A 154 -23.79 1.98 3.47
C VAL A 154 -22.96 1.53 2.24
N GLY A 155 -22.39 0.35 2.24
CA GLY A 155 -21.78 -0.22 1.01
C GLY A 155 -20.30 0.17 0.81
N GLY A 156 -19.94 1.45 0.96
CA GLY A 156 -18.56 1.90 0.85
C GLY A 156 -18.48 3.23 1.51
N LEU A 157 -17.25 3.63 1.83
CA LEU A 157 -16.96 4.93 2.42
C LEU A 157 -15.67 5.44 1.78
N SER A 158 -15.63 6.67 1.27
CA SER A 158 -14.43 7.29 0.77
C SER A 158 -13.69 7.78 1.94
N LYS A 159 -12.47 8.22 1.69
CA LYS A 159 -11.70 8.92 2.70
C LYS A 159 -12.47 10.09 3.31
N LEU A 160 -13.15 10.86 2.46
CA LEU A 160 -13.92 11.98 2.93
C LEU A 160 -15.09 11.49 3.84
N ASP A 161 -15.84 10.46 3.45
CA ASP A 161 -16.86 9.96 4.34
C ASP A 161 -16.31 9.55 5.71
N ILE A 162 -15.12 8.97 5.75
CA ILE A 162 -14.63 8.55 7.04
C ILE A 162 -14.30 9.74 7.93
N ALA A 163 -13.71 10.76 7.30
CA ALA A 163 -13.22 11.99 8.00
C ALA A 163 -14.45 12.71 8.61
N MET A 164 -15.54 12.65 7.88
CA MET A 164 -16.72 13.46 8.12
C MET A 164 -17.57 12.74 9.15
N PHE A 165 -17.63 11.41 9.07
CA PHE A 165 -18.69 10.66 9.77
C PHE A 165 -18.25 9.63 10.82
N SER A 166 -17.12 8.95 10.55
CA SER A 166 -16.75 7.74 11.29
C SER A 166 -15.84 8.10 12.45
N LEU A 167 -14.95 9.08 12.25
CA LEU A 167 -13.96 9.40 13.23
C LEU A 167 -14.58 10.04 14.48
N THR A 168 -15.73 10.69 14.28
CA THR A 168 -16.39 11.34 15.41
C THR A 168 -17.44 10.40 16.08
N ALA A 169 -17.65 9.18 15.56
CA ALA A 169 -18.38 8.11 16.30
C ALA A 169 -17.59 7.65 17.54
N THR A 170 -18.29 7.59 18.69
CA THR A 170 -17.70 7.20 19.98
C THR A 170 -18.31 5.93 20.58
N ASN A 171 -19.30 5.36 19.95
CA ASN A 171 -19.90 4.23 20.54
C ASN A 171 -20.33 3.31 19.47
N ASN A 172 -20.02 2.03 19.65
CA ASN A 172 -20.50 0.97 18.79
C ASN A 172 -21.99 1.05 18.47
N ASN A 173 -22.85 1.50 19.39
CA ASN A 173 -24.33 1.46 19.08
C ASN A 173 -24.75 2.48 18.03
N GLN A 174 -23.85 3.43 17.75
CA GLN A 174 -24.14 4.56 16.84
C GLN A 174 -24.11 4.24 15.36
N VAL A 175 -23.85 2.98 15.01
CA VAL A 175 -23.81 2.48 13.62
C VAL A 175 -25.04 2.96 12.81
N ASP A 176 -26.25 2.58 13.25
CA ASP A 176 -27.45 2.83 12.42
C ASP A 176 -27.75 4.27 12.23
N GLU A 177 -27.46 5.05 13.23
CA GLU A 177 -27.78 6.45 13.22
C GLU A 177 -26.79 7.20 12.32
N ILE A 178 -25.56 6.76 12.34
CA ILE A 178 -24.57 7.33 11.48
C ILE A 178 -24.78 6.84 10.04
N ALA A 179 -25.20 5.59 9.83
CA ALA A 179 -25.55 5.13 8.49
C ALA A 179 -26.67 5.94 7.90
N GLU A 180 -27.71 6.15 8.69
CA GLU A 180 -28.82 6.97 8.24
C GLU A 180 -28.40 8.38 7.89
N GLU A 181 -27.59 8.99 8.72
CA GLU A 181 -27.10 10.32 8.39
C GLU A 181 -26.26 10.38 7.07
N ILE A 182 -25.43 9.38 6.82
CA ILE A 182 -24.66 9.28 5.54
C ILE A 182 -25.65 9.15 4.34
N MET A 183 -26.60 8.20 4.42
CA MET A 183 -27.61 8.04 3.37
C MET A 183 -28.42 9.31 3.10
N GLN A 184 -28.64 10.09 4.14
CA GLN A 184 -29.34 11.37 3.98
C GLN A 184 -28.43 12.39 3.30
N PHE A 185 -27.18 12.40 3.72
CA PHE A 185 -26.19 13.23 3.08
C PHE A 185 -26.07 12.89 1.59
N ARG A 186 -25.94 11.62 1.22
CA ARG A 186 -25.88 11.25 -0.19
C ARG A 186 -27.14 11.68 -0.96
N ASN A 187 -28.32 11.48 -0.37
CA ASN A 187 -29.57 11.91 -1.01
C ASN A 187 -29.74 13.43 -1.24
N GLU A 188 -29.20 14.21 -0.33
CA GLU A 188 -29.16 15.68 -0.40
C GLU A 188 -28.08 16.20 -1.39
N ARG A 189 -26.87 15.60 -1.35
CA ARG A 189 -25.82 15.87 -2.35
C ARG A 189 -26.26 15.56 -3.78
N GLU A 190 -27.08 14.51 -3.92
CA GLU A 190 -27.63 14.04 -5.19
C GLU A 190 -28.47 15.16 -5.85
N LYS A 191 -29.26 15.88 -5.03
CA LYS A 191 -30.01 17.04 -5.48
C LYS A 191 -29.15 18.24 -5.94
N ILE A 192 -27.94 18.44 -5.38
CA ILE A 192 -27.04 19.54 -5.85
C ILE A 192 -26.52 19.30 -7.29
N LYS A 193 -26.85 20.19 -8.23
CA LYS A 193 -26.39 20.00 -9.64
C LYS A 193 -25.10 20.76 -9.83
N GLY A 194 -24.18 20.20 -10.60
CA GLY A 194 -22.86 20.82 -10.84
C GLY A 194 -21.81 20.21 -9.92
N GLN A 195 -20.70 19.74 -10.50
CA GLN A 195 -19.74 18.93 -9.74
C GLN A 195 -19.04 19.76 -8.67
N ASN A 196 -18.75 21.01 -9.03
CA ASN A 196 -18.17 21.92 -8.05
C ASN A 196 -19.21 22.42 -7.06
N LYS A 197 -20.50 22.47 -7.48
CA LYS A 197 -21.58 22.81 -6.54
C LYS A 197 -21.64 21.68 -5.50
N LYS A 198 -21.57 20.44 -5.99
CA LYS A 198 -21.59 19.25 -5.09
C LYS A 198 -20.42 19.27 -4.09
N LEU A 199 -19.20 19.63 -4.57
CA LEU A 199 -18.03 19.91 -3.69
C LEU A 199 -18.28 20.94 -2.56
N GLU A 200 -18.99 22.01 -2.88
CA GLU A 200 -19.27 23.06 -1.91
C GLU A 200 -20.21 22.52 -0.86
N PHE A 201 -21.39 22.12 -1.30
CA PHE A 201 -22.35 21.46 -0.45
C PHE A 201 -21.64 20.56 0.64
N THR A 202 -20.94 19.56 0.13
CA THR A 202 -20.07 18.68 0.92
C THR A 202 -19.18 19.47 1.89
N GLU A 203 -18.36 20.38 1.38
CA GLU A 203 -17.44 21.12 2.19
C GLU A 203 -18.13 21.97 3.24
N ASN A 204 -19.32 22.46 2.91
CA ASN A 204 -20.04 23.27 3.88
C ASN A 204 -20.78 22.40 4.97
N TYR A 205 -21.38 21.30 4.53
CA TYR A 205 -21.90 20.27 5.41
C TYR A 205 -20.84 19.75 6.40
N PHE A 206 -19.62 19.58 5.92
CA PHE A 206 -18.47 19.14 6.70
C PHE A 206 -18.13 20.24 7.70
N PHE A 207 -18.01 21.48 7.24
CA PHE A 207 -17.81 22.62 8.11
C PHE A 207 -18.83 22.66 9.23
N LYS A 208 -20.10 22.53 8.89
CA LYS A 208 -21.19 22.75 9.83
C LYS A 208 -21.30 21.62 10.83
N ARG A 209 -21.10 20.39 10.34
CA ARG A 209 -21.01 19.22 11.23
C ARG A 209 -19.87 19.33 12.29
N PHE A 210 -18.63 19.57 11.85
CA PHE A 210 -17.53 19.79 12.80
C PHE A 210 -17.74 21.02 13.70
N GLU A 211 -18.46 22.04 13.15
CA GLU A 211 -18.89 23.17 13.96
CA GLU A 211 -18.97 23.19 13.93
C GLU A 211 -19.73 22.69 15.16
N LYS A 212 -20.88 22.05 14.99
CA LYS A 212 -21.51 21.50 16.16
C LYS A 212 -20.46 20.83 17.08
N ILE A 213 -19.77 19.82 16.51
CA ILE A 213 -19.09 18.84 17.29
C ILE A 213 -17.95 19.45 18.07
N TYR A 214 -17.20 20.34 17.46
CA TYR A 214 -16.20 21.03 18.20
C TYR A 214 -16.72 22.44 18.51
N GLY A 215 -18.02 22.66 18.32
CA GLY A 215 -18.50 24.01 18.13
C GLY A 215 -19.56 24.55 19.06
N ASN A 216 -19.43 24.28 20.34
CA ASN A 216 -20.43 24.87 21.31
C ASN A 216 -20.30 26.41 21.39
N VAL A 217 -21.39 27.10 21.76
CA VAL A 217 -21.55 28.60 21.82
C VAL A 217 -22.85 28.91 22.60
N SER A 228 -9.93 33.00 15.36
CA SER A 228 -10.64 32.90 14.10
C SER A 228 -11.34 31.55 14.04
N HIS A 229 -12.52 31.49 14.67
CA HIS A 229 -13.37 30.30 14.70
C HIS A 229 -13.37 29.41 13.44
N LYS A 230 -13.59 30.04 12.26
CA LYS A 230 -13.64 29.36 10.94
C LYS A 230 -12.34 28.59 10.66
N SER A 231 -11.21 29.28 10.84
CA SER A 231 -9.93 28.67 10.54
C SER A 231 -9.60 27.57 11.56
N LYS A 232 -10.17 27.66 12.76
CA LYS A 232 -9.98 26.64 13.81
C LYS A 232 -10.66 25.33 13.42
N ILE A 233 -11.90 25.39 12.95
CA ILE A 233 -12.53 24.14 12.58
C ILE A 233 -11.96 23.64 11.26
N GLU A 234 -11.46 24.53 10.45
CA GLU A 234 -10.85 24.04 9.23
C GLU A 234 -9.60 23.21 9.53
N THR A 235 -8.97 23.45 10.66
CA THR A 235 -7.85 22.62 11.10
C THR A 235 -8.37 21.26 11.53
N LYS A 236 -9.52 21.24 12.19
CA LYS A 236 -10.15 20.01 12.55
C LYS A 236 -10.42 19.19 11.31
N MET A 237 -11.01 19.83 10.30
CA MET A 237 -11.35 19.17 9.04
C MET A 237 -10.13 18.57 8.36
N ARG A 238 -9.10 19.39 8.22
CA ARG A 238 -7.87 19.00 7.60
C ARG A 238 -7.15 17.88 8.40
N ASN A 239 -7.09 17.96 9.74
CA ASN A 239 -6.63 16.82 10.56
C ASN A 239 -7.43 15.54 10.33
N ALA A 240 -8.76 15.66 10.22
CA ALA A 240 -9.62 14.49 10.03
C ALA A 240 -9.37 13.80 8.71
N ARG A 241 -9.22 14.61 7.66
CA ARG A 241 -8.90 14.03 6.33
C ARG A 241 -7.57 13.26 6.38
N ASP A 242 -6.59 13.83 7.06
CA ASP A 242 -5.28 13.21 7.27
C ASP A 242 -5.38 11.85 7.95
N VAL A 243 -6.08 11.84 9.09
CA VAL A 243 -6.44 10.63 9.82
C VAL A 243 -7.28 9.64 8.98
N ALA A 244 -8.21 10.13 8.17
CA ALA A 244 -9.03 9.18 7.43
C ALA A 244 -8.20 8.41 6.34
N ASP A 245 -7.20 9.11 5.79
CA ASP A 245 -6.28 8.47 4.85
C ASP A 245 -5.59 7.28 5.59
N ALA A 246 -4.86 7.58 6.69
CA ALA A 246 -4.20 6.54 7.52
C ALA A 246 -5.17 5.43 7.83
N THR A 247 -6.37 5.80 8.31
CA THR A 247 -7.42 4.76 8.59
C THR A 247 -7.62 3.77 7.43
N THR A 248 -7.88 4.25 6.22
CA THR A 248 -8.13 3.33 5.12
C THR A 248 -6.85 2.47 4.85
N ARG A 249 -5.67 3.00 5.04
CA ARG A 249 -4.47 2.18 4.65
C ARG A 249 -4.25 1.06 5.69
N TYR A 250 -4.45 1.40 6.96
CA TYR A 250 -4.36 0.41 8.07
C TYR A 250 -5.42 -0.67 7.95
N PHE A 251 -6.67 -0.29 7.63
CA PHE A 251 -7.70 -1.29 7.60
C PHE A 251 -7.51 -2.16 6.34
N ARG A 252 -7.14 -1.57 5.21
CA ARG A 252 -6.87 -2.39 4.03
C ARG A 252 -5.73 -3.39 4.26
N TYR A 253 -4.74 -3.01 5.07
CA TYR A 253 -3.67 -3.93 5.44
C TYR A 253 -4.21 -5.24 5.99
N THR A 254 -5.13 -5.16 6.96
CA THR A 254 -5.70 -6.39 7.57
C THR A 254 -6.30 -7.37 6.58
N GLY A 255 -6.69 -6.91 5.40
CA GLY A 255 -7.26 -7.81 4.40
C GLY A 255 -8.76 -7.81 4.56
N LEU A 256 -9.29 -7.20 5.61
CA LEU A 256 -10.77 -7.24 5.84
C LEU A 256 -11.47 -6.32 4.90
N PHE A 257 -10.77 -5.27 4.48
CA PHE A 257 -11.34 -4.23 3.66
C PHE A 257 -10.46 -4.17 2.38
N VAL A 258 -11.05 -3.78 1.24
CA VAL A 258 -10.31 -3.51 -0.01
C VAL A 258 -10.85 -2.21 -0.57
N ALA A 259 -10.25 -1.66 -1.63
CA ALA A 259 -10.83 -0.52 -2.38
C ALA A 259 -11.56 -1.00 -3.59
N ARG A 260 -12.68 -0.37 -3.89
CA ARG A 260 -13.39 -0.57 -5.18
C ARG A 260 -13.70 0.82 -5.68
N GLY A 261 -12.90 1.32 -6.61
CA GLY A 261 -12.93 2.73 -6.97
C GLY A 261 -12.36 3.54 -5.83
N ASN A 262 -12.93 4.72 -5.60
CA ASN A 262 -12.54 5.54 -4.50
C ASN A 262 -13.21 5.20 -3.13
N GLN A 263 -13.73 4.00 -2.97
CA GLN A 263 -14.41 3.59 -1.76
C GLN A 263 -13.77 2.42 -1.00
N LEU A 264 -13.62 2.58 0.32
CA LEU A 264 -13.33 1.46 1.21
C LEU A 264 -14.53 0.54 1.26
N VAL A 265 -14.36 -0.74 0.98
CA VAL A 265 -15.49 -1.66 1.00
C VAL A 265 -15.07 -2.93 1.75
N LEU A 266 -16.07 -3.76 2.12
CA LEU A 266 -15.74 -5.05 2.70
C LEU A 266 -15.08 -5.96 1.65
N ASN A 267 -14.06 -6.71 2.10
CA ASN A 267 -13.51 -7.75 1.24
C ASN A 267 -14.53 -8.92 1.11
N PRO A 268 -15.12 -9.10 -0.09
CA PRO A 268 -16.04 -10.23 -0.38
C PRO A 268 -15.51 -11.62 0.00
N GLU A 269 -14.22 -11.90 -0.17
CA GLU A 269 -13.69 -13.19 0.28
C GLU A 269 -13.64 -13.39 1.81
N LYS A 270 -13.83 -12.36 2.64
CA LYS A 270 -13.79 -12.64 4.09
C LYS A 270 -15.18 -12.54 4.77
N SER A 271 -16.25 -12.83 4.03
CA SER A 271 -17.64 -12.69 4.51
C SER A 271 -17.81 -13.26 5.91
N ASP A 272 -17.42 -14.52 6.04
CA ASP A 272 -17.61 -15.27 7.27
C ASP A 272 -16.82 -14.73 8.46
N LEU A 273 -15.56 -14.37 8.23
CA LEU A 273 -14.66 -13.88 9.27
C LEU A 273 -15.22 -12.57 9.77
N ILE A 274 -15.73 -11.77 8.85
CA ILE A 274 -16.20 -10.41 9.20
C ILE A 274 -17.42 -10.61 10.11
N ASP A 275 -18.30 -11.54 9.74
CA ASP A 275 -19.45 -11.90 10.58
C ASP A 275 -19.02 -12.39 11.93
N GLU A 276 -18.05 -13.31 11.97
CA GLU A 276 -17.54 -13.78 13.26
C GLU A 276 -16.90 -12.66 14.13
N ILE A 277 -16.17 -11.75 13.48
CA ILE A 277 -15.57 -10.65 14.20
C ILE A 277 -16.65 -9.73 14.80
N ILE A 278 -17.64 -9.39 13.98
CA ILE A 278 -18.71 -8.54 14.41
C ILE A 278 -19.42 -9.21 15.64
N SER A 279 -19.78 -10.48 15.49
CA SER A 279 -20.45 -11.23 16.57
C SER A 279 -19.66 -11.29 17.88
N SER A 280 -18.34 -11.49 17.81
CA SER A 280 -17.56 -11.70 19.03
C SER A 280 -16.84 -10.49 19.59
N SER A 281 -16.87 -9.36 18.88
CA SER A 281 -16.24 -8.14 19.37
C SER A 281 -16.85 -7.62 20.66
N LYS A 282 -16.05 -6.92 21.46
CA LYS A 282 -16.44 -6.48 22.82
C LYS A 282 -15.52 -5.33 23.20
N VAL A 283 -15.98 -4.47 24.10
CA VAL A 283 -15.17 -3.44 24.75
C VAL A 283 -14.99 -3.97 26.18
N VAL A 284 -13.82 -4.52 26.48
CA VAL A 284 -13.59 -5.13 27.77
C VAL A 284 -13.50 -4.02 28.84
N LYS A 285 -14.01 -4.31 30.07
CA LYS A 285 -14.12 -3.29 31.14
C LYS A 285 -12.85 -3.12 31.95
N ASN A 286 -11.99 -4.12 31.92
CA ASN A 286 -10.81 -4.10 32.76
C ASN A 286 -9.62 -3.33 32.13
N TYR A 287 -9.85 -2.14 31.62
CA TYR A 287 -8.77 -1.35 30.98
C TYR A 287 -7.90 -0.47 31.81
N THR A 288 -8.28 -0.15 33.05
CA THR A 288 -7.53 0.87 33.79
C THR A 288 -6.18 0.46 34.30
N ARG A 289 -6.00 -0.85 34.47
CA ARG A 289 -4.73 -1.40 34.94
C ARG A 289 -3.90 -1.85 33.74
N VAL A 290 -2.67 -1.37 33.66
CA VAL A 290 -1.79 -1.69 32.49
C VAL A 290 -1.57 -3.20 32.24
N GLU A 291 -1.20 -3.94 33.27
CA GLU A 291 -0.81 -5.35 33.11
CA GLU A 291 -0.79 -5.34 33.04
C GLU A 291 -1.94 -6.25 32.68
N GLU A 292 -3.04 -6.19 33.41
CA GLU A 292 -4.19 -7.02 33.10
C GLU A 292 -4.69 -6.72 31.69
N PHE A 293 -4.60 -5.45 31.33
CA PHE A 293 -5.22 -5.05 30.08
C PHE A 293 -4.41 -5.63 28.97
N HIS A 294 -3.09 -5.45 29.07
CA HIS A 294 -2.12 -5.95 28.08
C HIS A 294 -1.95 -7.45 28.02
N GLU A 295 -2.28 -8.14 29.12
CA GLU A 295 -2.30 -9.61 29.09
C GLU A 295 -3.35 -10.06 28.08
N TYR A 296 -4.46 -9.29 27.97
CA TYR A 296 -5.47 -9.56 26.93
C TYR A 296 -5.03 -8.84 25.58
N TYR A 297 -4.77 -7.55 25.66
CA TYR A 297 -4.65 -6.73 24.45
C TYR A 297 -3.40 -7.03 23.66
N GLY A 298 -2.31 -7.30 24.33
CA GLY A 298 -1.04 -7.64 23.68
C GLY A 298 -0.96 -9.10 23.25
N ASN A 299 -2.04 -9.88 23.40
CA ASN A 299 -1.94 -11.30 23.03
C ASN A 299 -2.34 -11.49 21.55
N PRO A 300 -1.38 -11.76 20.66
CA PRO A 300 -1.78 -11.85 19.24
C PRO A 300 -2.60 -13.16 18.88
N SER A 301 -2.75 -14.09 19.82
CA SER A 301 -3.74 -15.17 19.58
C SER A 301 -5.17 -14.79 19.79
N LEU A 302 -5.44 -13.61 20.34
CA LEU A 302 -6.81 -13.26 20.68
C LEU A 302 -7.23 -12.16 19.74
N PRO A 303 -8.48 -12.15 19.29
CA PRO A 303 -9.47 -13.19 19.64
C PRO A 303 -9.11 -14.52 18.94
N GLN A 304 -9.61 -15.64 19.48
CA GLN A 304 -9.50 -16.92 18.79
C GLN A 304 -10.65 -17.13 17.85
N PHE A 305 -10.44 -17.25 16.55
CA PHE A 305 -11.54 -17.51 15.66
C PHE A 305 -11.91 -18.99 15.65
N SER A 306 -13.14 -19.26 15.25
CA SER A 306 -13.71 -20.63 15.28
C SER A 306 -12.86 -21.62 14.48
N PHE A 307 -12.23 -21.16 13.39
CA PHE A 307 -11.50 -22.12 12.54
C PHE A 307 -10.05 -22.35 12.95
N GLU A 308 -9.60 -21.68 14.03
CA GLU A 308 -8.19 -21.77 14.42
C GLU A 308 -7.91 -22.96 15.30
N THR A 309 -8.36 -24.15 14.90
CA THR A 309 -7.95 -25.38 15.57
C THR A 309 -7.04 -26.10 14.56
N LYS A 310 -6.21 -27.06 15.02
CA LYS A 310 -5.40 -27.86 14.07
C LYS A 310 -6.28 -28.43 12.94
N GLU A 311 -7.47 -28.91 13.28
CA GLU A 311 -8.29 -29.67 12.31
C GLU A 311 -8.82 -28.70 11.29
N GLN A 312 -9.24 -27.51 11.74
CA GLN A 312 -9.90 -26.61 10.80
C GLN A 312 -8.89 -25.75 10.04
N LEU A 313 -7.69 -25.58 10.64
CA LEU A 313 -6.57 -24.93 9.86
C LEU A 313 -6.07 -25.78 8.75
N LEU A 314 -6.05 -27.09 8.97
CA LEU A 314 -5.76 -27.98 7.88
C LEU A 314 -6.74 -27.79 6.77
N ASP A 315 -8.02 -27.76 7.12
CA ASP A 315 -9.01 -27.54 6.07
C ASP A 315 -8.82 -26.21 5.37
N LEU A 316 -8.55 -25.16 6.14
CA LEU A 316 -8.29 -23.83 5.52
C LEU A 316 -7.01 -23.89 4.63
N ALA A 317 -5.93 -24.48 5.14
CA ALA A 317 -4.73 -24.59 4.28
C ALA A 317 -5.06 -25.32 2.95
N HIS A 318 -5.83 -26.43 3.03
CA HIS A 318 -6.16 -27.21 1.83
C HIS A 318 -7.09 -26.49 0.89
N ARG A 319 -8.07 -25.80 1.39
CA ARG A 319 -8.92 -24.97 0.59
C ARG A 319 -8.13 -23.94 -0.19
N ILE A 320 -7.24 -23.21 0.48
CA ILE A 320 -6.39 -22.22 -0.19
C ILE A 320 -5.50 -22.88 -1.27
N ARG A 321 -4.99 -24.06 -0.96
CA ARG A 321 -4.14 -24.86 -1.91
C ARG A 321 -4.98 -25.13 -3.16
N ASP A 322 -6.23 -25.57 -3.00
CA ASP A 322 -7.08 -25.78 -4.20
C ASP A 322 -7.33 -24.50 -4.95
N GLU A 323 -7.68 -23.39 -4.28
CA GLU A 323 -7.78 -22.09 -4.99
C GLU A 323 -6.58 -21.75 -5.85
N ASN A 324 -5.40 -21.97 -5.29
CA ASN A 324 -4.18 -21.58 -5.95
C ASN A 324 -3.93 -22.55 -7.10
N THR A 325 -4.19 -23.83 -6.90
CA THR A 325 -3.99 -24.76 -7.98
C THR A 325 -4.93 -24.48 -9.12
N ARG A 326 -6.20 -24.23 -8.84
CA ARG A 326 -7.11 -23.82 -9.91
C ARG A 326 -6.64 -22.58 -10.68
N LEU A 327 -6.19 -21.57 -9.96
CA LEU A 327 -5.70 -20.36 -10.62
C LEU A 327 -4.52 -20.71 -11.50
N ALA A 328 -3.56 -21.44 -10.96
CA ALA A 328 -2.38 -21.76 -11.74
C ALA A 328 -2.77 -22.66 -12.94
N GLU A 329 -3.66 -23.60 -12.72
CA GLU A 329 -3.98 -24.53 -13.79
C GLU A 329 -4.68 -23.81 -14.92
N GLN A 330 -5.48 -22.80 -14.61
CA GLN A 330 -6.12 -22.05 -15.67
C GLN A 330 -5.16 -21.11 -16.47
N LEU A 331 -3.94 -20.92 -15.95
CA LEU A 331 -3.05 -19.96 -16.57
C LEU A 331 -1.90 -20.58 -17.29
N VAL A 332 -1.54 -21.78 -16.88
CA VAL A 332 -0.23 -22.32 -17.13
C VAL A 332 0.07 -22.69 -18.60
N GLU A 333 -0.95 -23.00 -19.39
CA GLU A 333 -0.66 -23.29 -20.81
C GLU A 333 -0.30 -22.02 -21.60
N HIS A 334 -1.05 -20.93 -21.43
CA HIS A 334 -0.81 -19.69 -22.20
C HIS A 334 0.11 -18.72 -21.45
N PHE A 335 0.37 -18.97 -20.17
CA PHE A 335 1.21 -18.05 -19.36
C PHE A 335 2.11 -18.89 -18.48
N PRO A 336 3.15 -19.47 -19.09
CA PRO A 336 3.88 -20.46 -18.33
C PRO A 336 4.77 -19.80 -17.26
N ASN A 337 4.83 -18.45 -17.23
CA ASN A 337 5.57 -17.80 -16.12
C ASN A 337 4.90 -18.06 -14.73
N VAL A 338 3.68 -18.65 -14.71
CA VAL A 338 3.08 -19.14 -13.42
C VAL A 338 3.82 -20.31 -12.81
N LYS A 339 4.76 -20.88 -13.55
CA LYS A 339 5.61 -21.94 -13.01
C LYS A 339 6.42 -21.50 -11.78
N VAL A 340 6.52 -20.19 -11.55
CA VAL A 340 7.31 -19.66 -10.43
C VAL A 340 6.49 -19.90 -9.17
N GLU A 341 5.22 -19.52 -9.23
CA GLU A 341 4.36 -19.64 -8.07
C GLU A 341 4.02 -21.10 -7.71
N ILE A 342 3.93 -21.95 -8.74
CA ILE A 342 3.55 -23.34 -8.52
C ILE A 342 4.64 -23.97 -7.69
N GLN A 343 5.90 -23.65 -7.97
CA GLN A 343 7.04 -24.19 -7.21
C GLN A 343 7.12 -23.65 -5.78
N VAL A 344 6.94 -22.34 -5.60
CA VAL A 344 6.91 -21.75 -4.25
C VAL A 344 5.77 -22.36 -3.43
N LEU A 345 4.65 -22.61 -4.08
CA LEU A 345 3.50 -23.22 -3.38
C LEU A 345 3.89 -24.59 -2.83
N GLU A 346 4.52 -25.42 -3.63
CA GLU A 346 5.04 -26.73 -3.17
C GLU A 346 6.00 -26.52 -2.00
N ASP A 347 6.93 -25.56 -2.14
CA ASP A 347 7.86 -25.32 -1.04
C ASP A 347 7.14 -24.95 0.23
N ILE A 348 6.14 -24.06 0.19
CA ILE A 348 5.38 -23.76 1.35
C ILE A 348 4.71 -24.98 1.98
N TYR A 349 4.00 -25.76 1.16
CA TYR A 349 3.22 -26.85 1.78
C TYR A 349 4.10 -28.01 2.23
N ASN A 350 5.29 -28.13 1.63
CA ASN A 350 6.25 -29.11 2.14
C ASN A 350 6.58 -29.04 3.66
N SER A 351 6.35 -27.93 4.33
CA SER A 351 6.54 -27.88 5.77
C SER A 351 5.70 -28.88 6.54
N LEU A 352 4.47 -29.13 6.04
CA LEU A 352 3.61 -30.06 6.78
C LEU A 352 4.06 -31.54 6.69
N ASN A 353 5.04 -31.86 5.83
CA ASN A 353 5.58 -33.20 5.81
C ASN A 353 6.43 -33.44 7.01
N LYS A 354 6.79 -32.34 7.67
CA LYS A 354 7.68 -32.40 8.84
C LYS A 354 6.92 -32.14 10.12
N LYS A 355 5.97 -31.20 10.14
CA LYS A 355 5.28 -30.87 11.42
C LYS A 355 3.82 -30.46 11.09
N VAL A 356 2.85 -30.94 11.86
CA VAL A 356 1.50 -30.46 11.66
C VAL A 356 1.00 -29.99 13.00
N ASP A 357 1.22 -28.72 13.28
CA ASP A 357 0.69 -28.09 14.48
C ASP A 357 0.11 -26.72 14.10
N VAL A 358 -0.59 -26.11 15.05
CA VAL A 358 -1.34 -24.87 14.82
C VAL A 358 -0.42 -23.79 14.28
N GLU A 359 0.76 -23.67 14.87
CA GLU A 359 1.71 -22.65 14.39
C GLU A 359 2.26 -22.83 13.00
N THR A 360 2.65 -24.05 12.66
CA THR A 360 3.11 -24.32 11.31
C THR A 360 1.97 -24.07 10.32
N LEU A 361 0.75 -24.49 10.66
CA LEU A 361 -0.38 -24.30 9.74
C LEU A 361 -0.73 -22.81 9.48
N LYS A 362 -0.64 -22.01 10.54
CA LYS A 362 -0.81 -20.58 10.40
C LYS A 362 0.21 -19.97 9.41
N ASP A 363 1.50 -20.36 9.54
CA ASP A 363 2.49 -19.90 8.59
C ASP A 363 2.22 -20.34 7.17
N VAL A 364 1.75 -21.60 6.98
CA VAL A 364 1.50 -22.09 5.64
C VAL A 364 0.38 -21.25 5.04
N ILE A 365 -0.67 -21.05 5.84
CA ILE A 365 -1.86 -20.30 5.38
C ILE A 365 -1.47 -18.84 4.97
N TYR A 366 -0.72 -18.20 5.86
CA TYR A 366 -0.22 -16.86 5.62
C TYR A 366 0.55 -16.79 4.31
N HIS A 367 1.57 -17.64 4.17
CA HIS A 367 2.36 -17.66 2.97
C HIS A 367 1.56 -18.00 1.74
N ALA A 368 0.61 -18.94 1.89
CA ALA A 368 -0.15 -19.30 0.69
C ALA A 368 -1.08 -18.20 0.22
N LYS A 369 -1.61 -17.37 1.14
CA LYS A 369 -2.41 -16.24 0.72
C LYS A 369 -1.56 -15.21 0.01
N GLU A 370 -0.32 -15.04 0.48
CA GLU A 370 0.66 -14.11 -0.15
CA GLU A 370 0.51 -14.05 -0.17
C GLU A 370 0.86 -14.55 -1.58
N LEU A 371 1.15 -15.83 -1.73
CA LEU A 371 1.35 -16.42 -3.00
C LEU A 371 0.06 -16.41 -3.87
N GLN A 372 -1.12 -16.55 -3.26
CA GLN A 372 -2.33 -16.31 -4.06
C GLN A 372 -2.32 -14.95 -4.69
N LEU A 373 -1.87 -13.94 -3.96
CA LEU A 373 -1.79 -12.58 -4.52
C LEU A 373 -0.77 -12.52 -5.70
N GLU A 374 0.34 -13.26 -5.64
CA GLU A 374 1.29 -13.34 -6.76
C GLU A 374 0.55 -13.98 -7.95
N LEU A 375 -0.23 -15.03 -7.70
CA LEU A 375 -0.94 -15.68 -8.81
C LEU A 375 -1.93 -14.73 -9.47
N LYS A 376 -2.57 -13.85 -8.68
CA LYS A 376 -3.56 -12.87 -9.22
C LYS A 376 -2.88 -11.84 -10.07
N LYS A 377 -1.60 -11.51 -9.77
CA LYS A 377 -0.92 -10.59 -10.65
C LYS A 377 -0.71 -11.26 -12.01
N LYS A 378 -0.36 -12.53 -12.03
CA LYS A 378 -0.14 -13.15 -13.32
C LYS A 378 -1.48 -13.42 -13.98
N LYS A 379 -2.57 -13.62 -13.20
CA LYS A 379 -3.91 -13.69 -13.83
C LYS A 379 -4.27 -12.42 -14.57
N LEU A 380 -3.79 -11.24 -14.14
CA LEU A 380 -4.04 -10.06 -14.94
C LEU A 380 -3.55 -10.14 -16.42
N GLN A 381 -2.48 -10.91 -16.67
CA GLN A 381 -1.96 -11.11 -18.02
C GLN A 381 -3.09 -11.70 -18.88
N ALA A 382 -3.78 -12.72 -18.37
CA ALA A 382 -5.00 -13.28 -19.01
C ALA A 382 -6.12 -12.24 -19.15
N ASP A 383 -6.41 -11.46 -18.13
CA ASP A 383 -7.45 -10.48 -18.23
C ASP A 383 -7.19 -9.52 -19.32
N PHE A 384 -5.90 -9.20 -19.56
CA PHE A 384 -5.56 -8.16 -20.52
C PHE A 384 -5.65 -8.69 -21.96
N ASN A 385 -5.98 -9.95 -22.15
CA ASN A 385 -6.31 -10.43 -23.49
C ASN A 385 -7.58 -9.79 -23.99
N ASP A 386 -8.45 -9.39 -23.09
CA ASP A 386 -9.61 -8.58 -23.41
C ASP A 386 -9.15 -7.15 -23.78
N PRO A 387 -9.32 -6.74 -25.05
CA PRO A 387 -8.80 -5.47 -25.50
C PRO A 387 -9.32 -4.25 -24.71
N ARG A 388 -10.50 -4.36 -24.13
CA ARG A 388 -11.08 -3.25 -23.40
C ARG A 388 -10.40 -3.09 -22.02
N GLN A 389 -10.04 -4.20 -21.42
CA GLN A 389 -9.25 -4.17 -20.17
C GLN A 389 -7.84 -3.56 -20.39
N LEU A 390 -7.18 -3.97 -21.45
CA LEU A 390 -5.86 -3.38 -21.82
C LEU A 390 -6.03 -1.90 -22.15
N GLU A 391 -7.10 -1.57 -22.87
CA GLU A 391 -7.26 -0.20 -23.25
C GLU A 391 -7.64 0.65 -22.05
N GLU A 392 -8.32 0.10 -21.03
CA GLU A 392 -8.60 0.88 -19.79
C GLU A 392 -7.29 1.43 -19.18
N VAL A 393 -6.27 0.58 -19.18
CA VAL A 393 -4.93 0.97 -18.56
C VAL A 393 -4.29 2.03 -19.46
N ILE A 394 -4.32 1.81 -20.78
CA ILE A 394 -3.81 2.85 -21.70
C ILE A 394 -4.54 4.19 -21.43
N ASP A 395 -5.85 4.15 -21.34
CA ASP A 395 -6.59 5.47 -21.27
C ASP A 395 -6.38 6.16 -19.98
N LEU A 396 -6.26 5.41 -18.88
CA LEU A 396 -5.89 6.04 -17.60
C LEU A 396 -4.50 6.63 -17.60
N LEU A 397 -3.52 5.89 -18.18
CA LEU A 397 -2.21 6.53 -18.40
C LEU A 397 -2.34 7.81 -19.18
N GLU A 398 -3.20 7.84 -20.23
CA GLU A 398 -3.36 9.08 -21.04
C GLU A 398 -3.89 10.27 -20.26
N VAL A 399 -4.64 10.02 -19.17
CA VAL A 399 -5.14 11.07 -18.28
C VAL A 399 -3.94 11.88 -17.80
N TYR A 400 -2.80 11.27 -17.66
CA TYR A 400 -1.68 12.02 -17.15
C TYR A 400 -1.05 13.00 -18.12
N HIS A 401 -1.46 12.97 -19.38
CA HIS A 401 -1.05 14.11 -20.25
C HIS A 401 -1.90 15.41 -20.02
N GLU A 402 -3.00 15.30 -19.27
CA GLU A 402 -3.94 16.41 -19.02
C GLU A 402 -3.41 17.33 -17.95
N LYS A 403 -4.06 18.46 -17.79
CA LYS A 403 -3.61 19.42 -16.80
C LYS A 403 -3.84 18.87 -15.38
N LYS A 404 -3.13 19.45 -14.42
CA LYS A 404 -3.11 18.90 -13.04
C LYS A 404 -4.49 18.78 -12.40
N ASN A 405 -5.31 19.81 -12.54
CA ASN A 405 -6.67 19.78 -11.98
C ASN A 405 -7.52 18.64 -12.56
N VAL A 406 -7.31 18.35 -13.84
CA VAL A 406 -8.10 17.29 -14.46
C VAL A 406 -7.57 15.92 -13.95
N ILE A 407 -6.25 15.82 -13.83
CA ILE A 407 -5.66 14.52 -13.37
C ILE A 407 -6.28 14.25 -11.96
N GLU A 408 -6.16 15.21 -11.05
CA GLU A 408 -6.64 15.01 -9.64
C GLU A 408 -8.08 14.63 -9.57
N GLU A 409 -8.88 15.24 -10.43
CA GLU A 409 -10.31 14.95 -10.51
C GLU A 409 -10.61 13.57 -11.05
N LYS A 410 -9.99 13.18 -12.17
CA LYS A 410 -10.34 11.92 -12.75
C LYS A 410 -9.82 10.81 -11.87
N ILE A 411 -8.68 11.03 -11.21
CA ILE A 411 -8.11 10.01 -10.30
C ILE A 411 -8.93 9.88 -9.02
N LYS A 412 -9.17 11.00 -8.31
CA LYS A 412 -10.09 11.00 -7.14
C LYS A 412 -11.38 10.23 -7.30
N ALA A 413 -11.97 10.30 -8.49
CA ALA A 413 -13.21 9.58 -8.76
C ALA A 413 -13.03 8.10 -9.02
N ARG A 414 -11.79 7.62 -9.16
CA ARG A 414 -11.65 6.23 -9.50
C ARG A 414 -10.79 5.43 -8.50
N PHE A 415 -10.11 6.11 -7.57
CA PHE A 415 -9.10 5.46 -6.67
C PHE A 415 -9.07 6.11 -5.30
N ILE A 416 -8.71 5.34 -4.27
CA ILE A 416 -8.41 5.97 -2.97
C ILE A 416 -7.08 6.67 -2.99
N ALA A 417 -6.07 5.98 -3.56
CA ALA A 417 -4.73 6.48 -3.51
C ALA A 417 -4.58 7.75 -4.36
N ASN A 418 -3.63 8.60 -3.97
CA ASN A 418 -3.32 9.85 -4.70
C ASN A 418 -2.76 9.53 -6.12
N LYS A 419 -2.79 10.53 -6.98
CA LYS A 419 -2.47 10.36 -8.36
C LYS A 419 -0.98 9.86 -8.52
N ASN A 420 -0.09 10.14 -7.59
CA ASN A 420 1.32 9.69 -7.73
C ASN A 420 1.46 8.20 -7.55
N THR A 421 0.76 7.67 -6.55
CA THR A 421 0.73 6.25 -6.31
C THR A 421 -0.01 5.53 -7.44
N VAL A 422 -1.08 6.14 -7.91
CA VAL A 422 -1.78 5.56 -9.01
C VAL A 422 -0.90 5.52 -10.29
N PHE A 423 -0.05 6.48 -10.52
CA PHE A 423 0.77 6.45 -11.72
C PHE A 423 1.75 5.26 -11.63
N GLU A 424 2.32 5.03 -10.44
CA GLU A 424 3.13 3.78 -10.23
C GLU A 424 2.33 2.55 -10.59
N TRP A 425 1.08 2.48 -10.08
CA TRP A 425 0.23 1.29 -10.26
C TRP A 425 -0.14 1.09 -11.77
N LEU A 426 -0.47 2.15 -12.47
CA LEU A 426 -0.77 2.06 -13.91
C LEU A 426 0.48 1.62 -14.73
N THR A 427 1.64 2.21 -14.44
CA THR A 427 2.85 1.74 -15.12
CA THR A 427 2.85 1.73 -15.15
C THR A 427 3.19 0.28 -14.87
N TRP A 428 3.06 -0.13 -13.62
CA TRP A 428 3.11 -1.53 -13.25
C TRP A 428 2.12 -2.35 -14.02
N ASN A 429 0.86 -1.92 -14.16
CA ASN A 429 -0.04 -2.77 -14.95
C ASN A 429 0.46 -2.80 -16.43
N GLY A 430 1.08 -1.70 -16.85
CA GLY A 430 1.81 -1.58 -18.14
C GLY A 430 2.80 -2.71 -18.35
N PHE A 431 3.64 -2.98 -17.33
CA PHE A 431 4.53 -4.11 -17.45
C PHE A 431 3.83 -5.46 -17.51
N ILE A 432 2.77 -5.63 -16.70
CA ILE A 432 1.99 -6.87 -16.75
C ILE A 432 1.39 -7.13 -18.19
N ILE A 433 0.92 -6.06 -18.80
CA ILE A 433 0.40 -6.09 -20.23
C ILE A 433 1.53 -6.57 -21.16
N LEU A 434 2.77 -6.10 -20.97
CA LEU A 434 3.89 -6.54 -21.86
C LEU A 434 4.24 -8.01 -21.68
N GLY A 435 4.05 -8.52 -20.46
CA GLY A 435 4.12 -9.96 -20.29
C GLY A 435 5.51 -10.46 -20.01
N ASN A 436 5.59 -11.75 -19.74
CA ASN A 436 6.85 -12.56 -19.75
C ASN A 436 7.70 -12.50 -18.44
N ALA A 437 7.31 -11.68 -17.46
CA ALA A 437 8.17 -11.57 -16.29
C ALA A 437 8.01 -12.76 -15.40
N LEU A 438 9.11 -13.12 -14.76
CA LEU A 438 9.04 -14.05 -13.64
C LEU A 438 8.33 -13.42 -12.39
N GLU A 439 8.53 -12.14 -12.15
CA GLU A 439 7.90 -11.50 -11.00
C GLU A 439 7.67 -10.05 -11.33
N TYR A 440 6.48 -9.57 -10.98
CA TYR A 440 6.15 -8.18 -11.17
C TYR A 440 6.17 -7.56 -9.79
N LYS A 441 7.38 -7.16 -9.35
CA LYS A 441 7.49 -6.83 -7.93
C LYS A 441 7.18 -5.31 -7.70
N ASN A 442 5.91 -5.00 -7.47
CA ASN A 442 5.55 -3.62 -7.06
C ASN A 442 6.26 -3.35 -5.73
N ASN A 443 6.91 -2.18 -5.59
CA ASN A 443 7.39 -1.74 -4.27
C ASN A 443 6.45 -0.75 -3.56
N PHE A 444 5.44 -0.26 -4.28
CA PHE A 444 4.30 0.39 -3.68
C PHE A 444 3.37 -0.71 -3.13
N VAL A 445 2.56 -0.36 -2.14
CA VAL A 445 1.74 -1.34 -1.40
C VAL A 445 0.44 -1.44 -2.15
N ILE A 446 -0.02 -2.66 -2.37
CA ILE A 446 -1.35 -2.94 -2.88
C ILE A 446 -2.16 -3.74 -1.84
N ASP A 447 -3.49 -3.77 -2.00
CA ASP A 447 -4.34 -4.48 -1.10
C ASP A 447 -4.73 -5.83 -1.68
N GLU A 448 -5.64 -6.51 -1.02
CA GLU A 448 -5.95 -7.90 -1.38
C GLU A 448 -6.69 -8.02 -2.73
N GLU A 449 -7.20 -6.91 -3.24
CA GLU A 449 -7.71 -6.90 -4.61
C GLU A 449 -6.73 -6.20 -5.57
N LEU A 450 -5.48 -6.11 -5.14
CA LEU A 450 -4.44 -5.53 -6.02
C LEU A 450 -4.59 -4.03 -6.28
N GLN A 451 -5.47 -3.34 -5.53
CA GLN A 451 -5.59 -1.88 -5.66
CA GLN A 451 -5.60 -1.90 -5.68
C GLN A 451 -4.48 -1.16 -4.89
N PRO A 452 -4.00 -0.01 -5.42
CA PRO A 452 -2.91 0.70 -4.81
C PRO A 452 -3.25 1.33 -3.46
N VAL A 453 -2.28 1.27 -2.54
CA VAL A 453 -2.37 1.90 -1.22
C VAL A 453 -1.35 3.01 -0.97
N THR A 454 -0.04 2.71 -1.05
CA THR A 454 0.98 3.55 -0.52
C THR A 454 2.12 3.56 -1.53
N HIS A 455 2.64 4.73 -1.82
CA HIS A 455 3.80 4.90 -2.69
C HIS A 455 5.04 4.10 -2.25
N ALA A 456 5.87 3.67 -3.21
CA ALA A 456 7.18 3.03 -2.88
C ALA A 456 8.02 3.97 -2.00
N ALA A 457 8.79 3.39 -1.07
CA ALA A 457 9.69 4.14 -0.16
C ALA A 457 10.78 4.82 -0.96
N GLY A 458 11.27 5.94 -0.44
CA GLY A 458 12.40 6.71 -1.03
C GLY A 458 13.66 5.88 -1.37
N ASN A 459 13.89 4.80 -0.63
CA ASN A 459 15.07 3.95 -0.94
C ASN A 459 14.77 2.76 -1.87
N GLN A 460 13.59 2.76 -2.48
CA GLN A 460 13.29 1.74 -3.53
C GLN A 460 12.88 2.32 -4.84
N PRO A 461 13.15 1.62 -5.97
CA PRO A 461 12.49 2.01 -7.22
C PRO A 461 10.97 1.71 -7.08
N ASP A 462 10.11 2.37 -7.86
CA ASP A 462 8.66 2.10 -7.76
C ASP A 462 8.29 0.62 -7.99
N MET A 463 9.09 -0.11 -8.82
CA MET A 463 8.82 -1.55 -9.00
C MET A 463 10.10 -2.16 -9.54
N GLU A 464 10.15 -3.48 -9.46
CA GLU A 464 11.28 -4.25 -9.96
C GLU A 464 10.68 -5.43 -10.75
N ILE A 465 10.88 -5.43 -12.06
CA ILE A 465 10.30 -6.39 -12.93
C ILE A 465 11.42 -7.42 -13.33
N ILE A 466 11.27 -8.66 -12.87
CA ILE A 466 12.36 -9.65 -12.96
C ILE A 466 11.96 -10.59 -14.10
N TYR A 467 12.82 -10.66 -15.12
CA TYR A 467 12.68 -11.55 -16.23
C TYR A 467 13.65 -12.69 -16.13
N GLU A 468 13.54 -13.62 -17.04
CA GLU A 468 14.43 -14.80 -17.05
C GLU A 468 15.89 -14.44 -17.01
N ASP A 469 16.34 -13.47 -17.80
CA ASP A 469 17.78 -13.20 -17.90
C ASP A 469 18.12 -11.71 -17.83
N PHE A 470 17.12 -10.87 -17.49
CA PHE A 470 17.38 -9.43 -17.23
C PHE A 470 16.39 -8.87 -16.19
N ILE A 471 16.66 -7.69 -15.63
CA ILE A 471 15.73 -7.14 -14.61
C ILE A 471 15.56 -5.68 -15.00
N VAL A 472 14.32 -5.21 -14.94
CA VAL A 472 14.07 -3.79 -15.16
C VAL A 472 13.50 -3.10 -13.92
N LEU A 473 14.12 -2.00 -13.50
CA LEU A 473 13.55 -1.22 -12.40
C LEU A 473 12.66 -0.15 -12.99
N GLY A 474 11.37 -0.14 -12.58
CA GLY A 474 10.47 0.92 -13.16
C GLY A 474 10.49 2.09 -12.19
N GLU A 475 10.85 3.23 -12.73
CA GLU A 475 11.06 4.44 -11.93
C GLU A 475 10.15 5.47 -12.57
N VAL A 476 9.11 5.89 -11.85
CA VAL A 476 8.11 6.74 -12.56
C VAL A 476 7.90 8.00 -11.77
N THR A 477 7.45 9.08 -12.42
CA THR A 477 7.11 10.31 -11.70
C THR A 477 6.14 11.12 -12.57
N THR A 478 5.35 11.97 -11.90
CA THR A 478 4.49 12.96 -12.61
C THR A 478 5.12 14.37 -12.43
N SER A 479 6.19 14.49 -11.64
N SER A 479 6.20 14.49 -11.67
CA SER A 479 7.03 15.69 -11.58
CA SER A 479 6.89 15.79 -11.55
C SER A 479 7.51 16.20 -12.93
C SER A 479 7.55 16.21 -12.88
N LYS A 480 7.84 17.50 -12.98
CA LYS A 480 8.38 18.13 -14.21
C LYS A 480 9.48 19.16 -13.92
N GLY A 481 10.29 19.53 -14.93
CA GLY A 481 11.26 20.61 -14.81
C GLY A 481 12.24 20.39 -13.66
N ALA A 482 12.57 21.49 -12.99
CA ALA A 482 13.61 21.54 -11.95
C ALA A 482 13.23 20.58 -10.83
N THR A 483 11.96 20.61 -10.43
CA THR A 483 11.58 19.65 -9.45
C THR A 483 11.73 18.14 -9.76
N GLN A 484 11.52 17.84 -11.03
CA GLN A 484 11.82 16.45 -11.42
C GLN A 484 13.28 16.13 -11.21
N PHE A 485 14.13 17.06 -11.71
CA PHE A 485 15.59 16.89 -11.51
C PHE A 485 15.91 16.69 -10.02
N LYS A 486 15.46 17.63 -9.19
CA LYS A 486 15.66 17.58 -7.73
C LYS A 486 15.13 16.24 -7.18
N MET A 487 13.93 15.86 -7.60
CA MET A 487 13.27 14.65 -7.10
C MET A 487 13.87 13.33 -7.59
N GLU A 488 14.38 13.30 -8.82
CA GLU A 488 14.65 12.00 -9.41
C GLU A 488 16.08 11.72 -9.72
N SER A 489 16.88 12.72 -10.00
CA SER A 489 18.18 12.46 -10.53
C SER A 489 19.02 11.60 -9.63
N GLU A 490 19.08 11.96 -8.35
CA GLU A 490 19.85 11.18 -7.44
C GLU A 490 19.16 9.89 -7.02
N PRO A 491 17.84 9.90 -6.67
CA PRO A 491 17.31 8.59 -6.32
C PRO A 491 17.39 7.53 -7.44
N VAL A 492 17.20 7.88 -8.72
CA VAL A 492 17.14 6.85 -9.72
C VAL A 492 18.53 6.22 -9.87
N THR A 493 19.59 7.05 -9.77
CA THR A 493 20.93 6.49 -10.01
C THR A 493 21.32 5.68 -8.78
N ARG A 494 20.98 6.18 -7.60
CA ARG A 494 21.23 5.45 -6.34
CA ARG A 494 21.25 5.45 -6.36
C ARG A 494 20.52 4.11 -6.33
N HIS A 495 19.22 4.08 -6.68
CA HIS A 495 18.51 2.80 -6.75
C HIS A 495 19.21 1.80 -7.71
N TYR A 496 19.65 2.29 -8.85
CA TYR A 496 20.20 1.40 -9.87
C TYR A 496 21.54 0.82 -9.32
N LEU A 497 22.41 1.69 -8.82
CA LEU A 497 23.74 1.27 -8.30
C LEU A 497 23.63 0.41 -7.08
N ASN A 498 22.65 0.68 -6.20
CA ASN A 498 22.43 -0.28 -5.06
C ASN A 498 21.98 -1.68 -5.46
N LYS A 499 21.10 -1.72 -6.45
CA LYS A 499 20.62 -3.02 -6.94
C LYS A 499 21.76 -3.75 -7.63
N LYS A 500 22.51 -3.07 -8.48
CA LYS A 500 23.61 -3.71 -9.22
C LYS A 500 24.62 -4.31 -8.24
N LYS A 501 25.02 -3.55 -7.22
CA LYS A 501 25.86 -4.03 -6.09
C LYS A 501 25.20 -5.25 -5.40
N GLU A 502 23.89 -5.23 -5.24
CA GLU A 502 23.23 -6.31 -4.51
C GLU A 502 23.13 -7.61 -5.34
N LEU A 503 22.92 -7.47 -6.64
CA LEU A 503 22.93 -8.59 -7.56
C LEU A 503 24.36 -9.20 -7.61
N GLU A 504 25.40 -8.37 -7.59
CA GLU A 504 26.77 -8.86 -7.60
C GLU A 504 27.05 -9.62 -6.34
N LYS A 505 26.61 -9.07 -5.24
CA LYS A 505 26.70 -9.77 -3.95
C LYS A 505 26.06 -11.17 -4.04
N GLN A 506 24.84 -11.24 -4.56
CA GLN A 506 24.14 -12.51 -4.63
C GLN A 506 24.59 -13.43 -5.74
N GLY A 507 25.49 -12.97 -6.61
CA GLY A 507 25.94 -13.69 -7.82
C GLY A 507 24.85 -13.86 -8.87
N VAL A 508 23.79 -13.05 -8.81
CA VAL A 508 22.72 -13.10 -9.85
C VAL A 508 23.37 -12.48 -11.12
N GLU A 509 23.45 -13.24 -12.21
CA GLU A 509 24.06 -12.69 -13.42
C GLU A 509 22.98 -12.37 -14.45
N LYS A 510 22.25 -11.30 -14.17
CA LYS A 510 21.26 -10.75 -15.12
C LYS A 510 21.64 -9.30 -15.33
N GLU A 511 21.56 -8.82 -16.55
N GLU A 511 21.53 -8.81 -16.53
CA GLU A 511 21.78 -7.40 -16.79
CA GLU A 511 21.76 -7.41 -16.73
C GLU A 511 20.62 -6.60 -16.19
C GLU A 511 20.61 -6.62 -16.15
N LEU A 512 20.90 -5.39 -15.72
CA LEU A 512 20.03 -4.49 -14.98
C LEU A 512 19.75 -3.21 -15.76
N TYR A 513 18.49 -2.84 -15.88
CA TYR A 513 18.07 -1.62 -16.54
C TYR A 513 17.14 -0.90 -15.61
N SER A 514 17.09 0.41 -15.69
CA SER A 514 16.01 1.15 -15.11
C SER A 514 15.23 1.80 -16.21
N LEU A 515 13.91 1.72 -16.16
CA LEU A 515 13.13 2.39 -17.22
C LEU A 515 12.50 3.59 -16.51
N PHE A 516 12.89 4.79 -16.88
CA PHE A 516 12.41 6.03 -16.21
C PHE A 516 11.32 6.67 -17.04
N ILE A 517 10.10 6.78 -16.48
CA ILE A 517 8.90 7.17 -17.22
C ILE A 517 8.31 8.43 -16.56
N ALA A 518 8.11 9.46 -17.36
CA ALA A 518 7.37 10.62 -16.86
C ALA A 518 6.56 11.17 -18.07
N PRO A 519 5.48 11.92 -17.79
CA PRO A 519 4.78 12.52 -18.94
C PRO A 519 5.65 13.47 -19.73
N GLU A 520 6.56 14.16 -19.04
CA GLU A 520 7.47 15.09 -19.71
C GLU A 520 8.84 14.89 -19.07
N ILE A 521 9.76 14.26 -19.77
CA ILE A 521 11.11 14.06 -19.24
C ILE A 521 11.95 15.35 -19.30
N ASN A 522 12.36 15.86 -18.15
CA ASN A 522 13.18 17.09 -18.06
C ASN A 522 14.58 16.90 -18.67
N LYS A 523 15.03 17.85 -19.48
CA LYS A 523 16.32 17.77 -20.16
C LYS A 523 17.45 17.51 -19.18
N ASN A 524 17.49 18.24 -18.09
CA ASN A 524 18.60 18.10 -17.19
C ASN A 524 18.61 16.72 -16.57
N THR A 525 17.42 16.20 -16.23
CA THR A 525 17.28 14.81 -15.72
C THR A 525 17.82 13.79 -16.77
N PHE A 526 17.42 13.96 -18.03
CA PHE A 526 17.83 13.11 -19.13
C PHE A 526 19.34 13.09 -19.30
N GLU A 527 19.95 14.28 -19.37
CA GLU A 527 21.40 14.36 -19.59
C GLU A 527 22.15 13.77 -18.43
N GLU A 528 21.61 13.90 -17.24
CA GLU A 528 22.26 13.35 -16.06
C GLU A 528 22.23 11.82 -16.11
N PHE A 529 21.13 11.25 -16.58
CA PHE A 529 21.13 9.79 -16.74
C PHE A 529 22.05 9.38 -17.85
N MET A 530 22.17 10.18 -18.89
CA MET A 530 23.07 9.81 -20.00
C MET A 530 24.49 9.81 -19.53
N LYS A 531 24.83 10.78 -18.68
CA LYS A 531 26.19 10.86 -18.13
C LYS A 531 26.47 9.64 -17.26
N TYR A 532 25.50 9.25 -16.43
CA TYR A 532 25.68 8.12 -15.59
C TYR A 532 25.84 6.81 -16.37
N ASN A 533 25.13 6.61 -17.51
CA ASN A 533 25.26 5.39 -18.29
C ASN A 533 26.68 5.31 -18.85
N ILE A 534 27.19 6.44 -19.33
CA ILE A 534 28.43 6.36 -20.11
C ILE A 534 29.66 6.46 -19.17
N VAL A 535 29.51 7.20 -18.07
CA VAL A 535 30.63 7.35 -17.12
C VAL A 535 30.61 6.33 -15.97
N GLN A 536 29.42 6.02 -15.45
CA GLN A 536 29.33 5.18 -14.25
C GLN A 536 28.78 3.79 -14.59
N ASN A 537 28.64 3.49 -15.88
CA ASN A 537 28.21 2.18 -16.36
C ASN A 537 26.78 1.75 -15.86
N THR A 538 25.91 2.73 -15.65
CA THR A 538 24.48 2.41 -15.44
C THR A 538 23.74 2.14 -16.74
N ARG A 539 22.48 1.64 -16.66
CA ARG A 539 21.74 1.38 -17.89
C ARG A 539 20.35 1.96 -17.59
N ILE A 540 20.28 3.30 -17.42
CA ILE A 540 19.01 4.02 -17.20
C ILE A 540 18.46 4.47 -18.55
N ILE A 541 17.21 4.09 -18.88
N ILE A 541 17.21 4.09 -18.89
CA ILE A 541 16.58 4.40 -20.16
CA ILE A 541 16.59 4.39 -20.20
C ILE A 541 15.41 5.32 -19.87
C ILE A 541 15.38 5.27 -19.99
N PRO A 542 15.47 6.57 -20.33
CA PRO A 542 14.31 7.48 -20.12
C PRO A 542 13.33 7.29 -21.27
N LEU A 543 12.07 7.03 -20.95
CA LEU A 543 10.95 6.95 -21.99
C LEU A 543 9.78 7.84 -21.55
N SER A 544 9.30 8.69 -22.44
CA SER A 544 8.18 9.57 -22.14
C SER A 544 6.95 8.68 -21.96
N LEU A 545 5.97 9.21 -21.25
CA LEU A 545 4.73 8.48 -21.05
C LEU A 545 4.17 8.12 -22.44
N LYS A 546 4.34 9.04 -23.38
CA LYS A 546 3.86 8.76 -24.78
C LYS A 546 4.57 7.55 -25.39
N GLN A 547 5.87 7.41 -25.17
CA GLN A 547 6.59 6.27 -25.71
C GLN A 547 6.20 5.02 -25.01
N PHE A 548 5.97 5.15 -23.69
CA PHE A 548 5.59 3.93 -22.88
C PHE A 548 4.20 3.41 -23.32
N ASN A 549 3.30 4.34 -23.56
CA ASN A 549 1.97 3.93 -24.10
C ASN A 549 2.02 3.37 -25.50
N MET A 550 2.97 3.79 -26.34
CA MET A 550 3.17 3.12 -27.63
C MET A 550 3.50 1.67 -27.50
N LEU A 551 4.28 1.31 -26.46
CA LEU A 551 4.60 -0.10 -26.24
C LEU A 551 3.33 -0.90 -25.95
N LEU A 552 2.43 -0.29 -25.17
CA LEU A 552 1.25 -0.98 -24.75
C LEU A 552 0.31 -1.12 -25.99
N MET A 553 0.24 -0.01 -26.75
CA MET A 553 -0.50 -0.06 -28.06
C MET A 553 0.04 -1.14 -28.97
N VAL A 554 1.36 -1.27 -29.04
CA VAL A 554 1.94 -2.34 -29.82
C VAL A 554 1.53 -3.71 -29.36
N GLN A 555 1.57 -3.96 -28.05
CA GLN A 555 1.14 -5.27 -27.57
C GLN A 555 -0.38 -5.45 -27.86
N LYS A 556 -1.15 -4.38 -27.74
CA LYS A 556 -2.62 -4.52 -27.95
C LYS A 556 -2.90 -5.05 -29.41
N LYS A 557 -2.20 -4.42 -30.37
CA LYS A 557 -2.26 -4.82 -31.79
C LYS A 557 -1.75 -6.25 -32.09
N LEU A 558 -0.70 -6.70 -31.38
CA LEU A 558 -0.23 -8.07 -31.52
C LEU A 558 -1.25 -9.08 -31.04
N ILE A 559 -1.90 -8.78 -29.91
CA ILE A 559 -2.92 -9.64 -29.35
C ILE A 559 -4.10 -9.64 -30.34
N GLU A 560 -4.47 -8.50 -30.95
CA GLU A 560 -5.54 -8.53 -32.00
C GLU A 560 -5.29 -9.58 -33.08
N LYS A 561 -4.00 -9.85 -33.37
CA LYS A 561 -3.59 -10.79 -34.42
C LYS A 561 -3.10 -12.16 -33.94
N GLY A 562 -3.41 -12.54 -32.69
CA GLY A 562 -3.05 -13.87 -32.18
C GLY A 562 -1.60 -14.01 -31.77
N ARG A 563 -0.93 -12.87 -31.62
CA ARG A 563 0.51 -12.87 -31.34
C ARG A 563 0.76 -12.06 -30.00
N ARG A 564 1.98 -11.99 -29.49
CA ARG A 564 2.20 -11.18 -28.27
C ARG A 564 3.71 -11.04 -28.17
N LEU A 565 4.16 -10.03 -27.43
CA LEU A 565 5.61 -9.86 -27.25
C LEU A 565 6.20 -11.04 -26.51
N SER A 566 7.41 -11.45 -26.87
CA SER A 566 8.10 -12.51 -26.16
C SER A 566 9.06 -11.86 -25.12
N SER A 567 9.63 -12.64 -24.23
CA SER A 567 10.63 -12.10 -23.31
C SER A 567 11.82 -11.51 -24.07
N TYR A 568 12.27 -12.23 -25.10
CA TYR A 568 13.26 -11.70 -26.06
C TYR A 568 12.95 -10.35 -26.57
N ASP A 569 11.71 -10.09 -27.04
CA ASP A 569 11.41 -8.80 -27.60
C ASP A 569 11.59 -7.68 -26.59
N ILE A 570 11.25 -7.95 -25.30
CA ILE A 570 11.39 -6.86 -24.27
C ILE A 570 12.88 -6.61 -23.98
N LYS A 571 13.63 -7.69 -23.86
CA LYS A 571 15.08 -7.58 -23.64
C LYS A 571 15.74 -6.77 -24.74
N ASN A 572 15.33 -7.03 -25.99
CA ASN A 572 15.90 -6.44 -27.20
C ASN A 572 15.60 -4.97 -27.21
N LEU A 573 14.39 -4.60 -26.81
CA LEU A 573 14.14 -3.14 -26.71
C LEU A 573 15.07 -2.53 -25.64
N MET A 574 15.15 -3.16 -24.46
CA MET A 574 15.92 -2.52 -23.41
C MET A 574 17.44 -2.43 -23.84
N VAL A 575 17.98 -3.53 -24.35
CA VAL A 575 19.40 -3.56 -24.85
C VAL A 575 19.63 -2.50 -25.92
N SER A 576 18.71 -2.43 -26.87
CA SER A 576 18.80 -1.49 -28.02
C SER A 576 18.80 -0.10 -27.56
N LEU A 577 17.81 0.25 -26.74
CA LEU A 577 17.72 1.66 -26.27
C LEU A 577 18.96 1.99 -25.42
N TYR A 578 19.42 1.01 -24.64
CA TYR A 578 20.61 1.21 -23.82
C TYR A 578 21.89 1.49 -24.67
N ARG A 579 22.13 0.66 -25.67
CA ARG A 579 23.22 0.89 -26.59
C ARG A 579 23.15 2.28 -27.21
N THR A 580 21.98 2.73 -27.64
CA THR A 580 21.84 4.10 -28.12
C THR A 580 22.24 5.11 -27.08
N THR A 581 21.90 4.90 -25.79
CA THR A 581 22.32 5.90 -24.81
C THR A 581 23.85 6.09 -24.72
N ILE A 582 24.60 5.02 -24.96
CA ILE A 582 26.08 5.11 -24.77
C ILE A 582 26.83 5.28 -26.13
N GLU A 583 26.16 5.07 -27.26
CA GLU A 583 26.90 5.12 -28.55
C GLU A 583 26.54 6.39 -29.28
N SER A 584 25.36 6.92 -28.97
CA SER A 584 24.92 8.11 -29.67
C SER A 584 26.02 9.25 -29.52
N GLU A 585 26.12 10.10 -30.53
CA GLU A 585 26.73 11.42 -30.33
C GLU A 585 26.16 12.11 -29.11
N ARG A 586 26.97 12.86 -28.40
CA ARG A 586 26.63 13.25 -27.05
C ARG A 586 25.60 14.35 -26.84
N LYS A 587 25.36 15.21 -27.82
CA LYS A 587 24.42 16.31 -27.58
C LYS A 587 22.98 15.82 -27.27
N TYR A 588 22.27 16.56 -26.44
CA TYR A 588 21.00 16.11 -25.92
C TYR A 588 20.00 15.74 -27.03
N THR A 589 19.90 16.63 -28.01
CA THR A 589 18.98 16.45 -29.12
C THR A 589 19.36 15.22 -29.98
N GLN A 590 20.64 14.88 -29.97
CA GLN A 590 21.10 13.75 -30.74
C GLN A 590 20.73 12.44 -30.08
N ILE A 591 21.01 12.31 -28.78
CA ILE A 591 20.61 11.12 -28.00
C ILE A 591 19.08 10.97 -28.03
N LYS A 592 18.39 12.08 -27.81
CA LYS A 592 16.96 12.02 -27.75
C LYS A 592 16.41 11.55 -29.13
N ALA A 593 16.96 12.07 -30.23
CA ALA A 593 16.55 11.60 -31.58
C ALA A 593 16.95 10.16 -31.84
N GLY A 594 18.10 9.76 -31.29
CA GLY A 594 18.56 8.38 -31.44
C GLY A 594 17.61 7.41 -30.74
N LEU A 595 17.15 7.79 -29.55
CA LEU A 595 16.17 6.93 -28.84
C LEU A 595 14.84 6.78 -29.61
N GLU A 596 14.33 7.89 -30.18
CA GLU A 596 13.12 7.77 -31.01
C GLU A 596 13.33 6.85 -32.20
N GLU A 597 14.51 6.92 -32.80
CA GLU A 597 14.76 6.05 -33.93
C GLU A 597 14.88 4.60 -33.49
N THR A 598 15.66 4.33 -32.43
CA THR A 598 15.77 2.98 -31.92
C THR A 598 14.36 2.45 -31.59
N LEU A 599 13.56 3.29 -30.92
CA LEU A 599 12.19 2.84 -30.56
C LEU A 599 11.33 2.56 -31.82
N ASN A 600 11.44 3.46 -32.80
CA ASN A 600 10.70 3.26 -34.05
C ASN A 600 11.09 1.97 -34.83
N ASN A 601 12.38 1.61 -34.84
CA ASN A 601 12.82 0.38 -35.41
C ASN A 601 12.19 -0.84 -34.69
N TRP A 602 12.12 -0.76 -33.35
CA TRP A 602 11.67 -1.93 -32.63
C TRP A 602 10.14 -2.10 -32.93
N VAL A 603 9.41 -0.99 -32.98
CA VAL A 603 7.97 -0.97 -33.31
C VAL A 603 7.64 -1.48 -34.72
N VAL A 604 8.28 -0.88 -35.74
CA VAL A 604 8.18 -1.36 -37.15
C VAL A 604 8.39 -2.85 -37.26
N ASP A 605 9.43 -3.36 -36.62
CA ASP A 605 9.74 -4.80 -36.64
C ASP A 605 8.56 -5.70 -36.18
N LYS A 606 7.62 -5.12 -35.41
CA LYS A 606 6.53 -5.93 -34.88
C LYS A 606 5.39 -5.95 -35.94
N GLU A 607 5.60 -5.19 -37.03
CA GLU A 607 4.64 -5.05 -38.13
C GLU A 607 3.25 -4.86 -37.68
N VAL A 608 3.00 -3.80 -36.95
CA VAL A 608 1.65 -3.50 -36.50
C VAL A 608 1.01 -2.34 -37.25
N ARG A 609 -0.16 -1.91 -36.78
CA ARG A 609 -0.76 -0.65 -37.25
C ARG A 609 0.19 0.50 -36.88
N PHE A 610 0.49 0.61 -35.59
CA PHE A 610 1.40 1.63 -35.06
C PHE A 610 1.28 1.65 -33.54
P PO4 B . 2.29 8.17 0.08
O1 PO4 B . 1.59 6.87 -0.29
O2 PO4 B . 2.40 8.93 -1.20
O3 PO4 B . 3.57 7.86 0.80
O4 PO4 B . 1.43 8.92 1.09
#